data_4EI0
#
_entry.id   4EI0
#
_cell.length_a   62.749
_cell.length_b   85.879
_cell.length_c   128.695
_cell.angle_alpha   90.000
_cell.angle_beta   90.000
_cell.angle_gamma   90.000
#
_symmetry.space_group_name_H-M   'P 21 21 21'
#
loop_
_entity.id
_entity.type
_entity.pdbx_description
1 polymer 'uncharacterized hypothetical protein'
2 non-polymer GLYCEROL
3 water water
#
_entity_poly.entity_id   1
_entity_poly.type   'polypeptide(L)'
_entity_poly.pdbx_seq_one_letter_code
;GCDDDPVLLKDPVSALSNDCIKRSLPVAPNIVGNEIEFAYA(MSE)AIPNELGKLSSAQVVSSIAGATGTYFDPNSYYTN
SSGQDIPVKVCSDSQTNGTTTVIDFTVDTCAATLRYYYIIPEEARGKDVQFSFSVKASNGQVAEYKLGPYKISK(MSE)D
(MSE)AKNLSVTNDKCYLSFLNEGEAVHIYSKADLQANPSLAAKIDI(MSE)YAYSEKSDLSHAFYTSSSPKEY(MSE)G
GTELPSGFVNNTK(MSE)IKVYGLQDRQLSDLQYSKFIDDLDFETID(MSE)SKCTNYILGLKEEAGAWVETADGKYRAY
VYINKASASEVTVSVKRYK(MSE)
;
_entity_poly.pdbx_strand_id   A,B
#
# COMPACT_ATOMS: atom_id res chain seq x y z
N PRO A 12 -5.36 17.45 5.78
CA PRO A 12 -5.55 16.29 6.68
C PRO A 12 -6.98 15.65 6.64
N VAL A 13 -7.15 14.44 6.07
CA VAL A 13 -8.44 13.72 6.18
C VAL A 13 -8.89 13.59 7.65
N SER A 14 -10.09 14.09 8.02
CA SER A 14 -10.64 13.95 9.38
C SER A 14 -11.96 13.18 9.44
N ALA A 15 -12.42 12.64 8.30
CA ALA A 15 -13.70 11.96 8.17
C ALA A 15 -13.55 11.02 6.99
N LEU A 16 -14.46 10.05 6.85
CA LEU A 16 -14.51 9.24 5.63
C LEU A 16 -14.54 10.14 4.40
N SER A 17 -13.68 9.86 3.42
CA SER A 17 -13.63 10.61 2.23
C SER A 17 -13.37 9.69 1.02
N ASN A 18 -13.64 10.20 -0.18
CA ASN A 18 -13.52 9.45 -1.38
C ASN A 18 -13.10 10.30 -2.57
N ASP A 19 -12.62 9.61 -3.60
CA ASP A 19 -12.24 10.26 -4.86
C ASP A 19 -12.32 9.18 -5.94
N CYS A 20 -12.68 9.54 -7.16
CA CYS A 20 -12.74 8.54 -8.24
C CYS A 20 -12.15 9.11 -9.51
N ILE A 21 -11.39 8.32 -10.25
CA ILE A 21 -10.85 8.70 -11.53
C ILE A 21 -11.20 7.63 -12.60
N LYS A 22 -11.59 8.08 -13.78
CA LYS A 22 -11.83 7.16 -14.87
C LYS A 22 -10.47 6.74 -15.36
N ARG A 23 -10.22 5.44 -15.43
CA ARG A 23 -8.90 4.95 -15.95
C ARG A 23 -8.89 4.75 -17.46
N SER A 24 -10.02 4.33 -18.04
CA SER A 24 -10.16 4.28 -19.51
C SER A 24 -9.78 5.64 -20.09
N LEU A 25 -9.11 5.64 -21.22
CA LEU A 25 -8.57 6.96 -21.76
C LEU A 25 -9.65 7.79 -22.40
N PRO A 26 -9.61 9.13 -22.19
CA PRO A 26 -10.54 10.01 -22.90
C PRO A 26 -10.53 9.85 -24.42
N VAL A 27 -9.40 9.57 -25.03
CA VAL A 27 -9.36 9.43 -26.49
C VAL A 27 -9.99 8.13 -26.97
N ALA A 28 -10.17 7.15 -26.07
CA ALA A 28 -10.60 5.81 -26.49
C ALA A 28 -12.11 5.75 -26.52
N PRO A 29 -12.73 5.42 -27.66
CA PRO A 29 -14.22 5.43 -27.67
C PRO A 29 -14.77 4.30 -26.83
N ASN A 30 -15.94 4.54 -26.27
CA ASN A 30 -16.59 3.61 -25.35
C ASN A 30 -17.58 2.81 -26.20
N ILE A 31 -17.20 1.54 -26.45
CA ILE A 31 -17.90 0.67 -27.43
C ILE A 31 -18.70 -0.44 -26.70
N VAL A 32 -19.96 -0.63 -27.13
CA VAL A 32 -20.79 -1.77 -26.67
C VAL A 32 -20.00 -3.06 -26.56
N GLY A 33 -20.15 -3.75 -25.43
CA GLY A 33 -19.42 -4.97 -25.15
C GLY A 33 -18.13 -4.76 -24.43
N ASN A 34 -17.58 -3.56 -24.45
CA ASN A 34 -16.27 -3.27 -23.81
CA ASN A 34 -16.30 -3.32 -23.82
C ASN A 34 -16.48 -2.70 -22.42
N GLU A 35 -15.39 -2.54 -21.69
CA GLU A 35 -15.49 -1.98 -20.36
C GLU A 35 -15.13 -0.50 -20.26
N ILE A 36 -15.78 0.24 -19.33
CA ILE A 36 -15.28 1.52 -18.83
C ILE A 36 -14.78 1.24 -17.43
N GLU A 37 -13.50 1.51 -17.23
CA GLU A 37 -12.82 1.21 -15.98
C GLU A 37 -12.61 2.45 -15.13
N PHE A 38 -12.81 2.30 -13.82
CA PHE A 38 -12.70 3.40 -12.86
C PHE A 38 -11.84 2.95 -11.66
N ALA A 39 -11.10 3.88 -11.05
CA ALA A 39 -10.35 3.66 -9.82
C ALA A 39 -11.00 4.50 -8.74
N TYR A 40 -11.65 3.84 -7.78
CA TYR A 40 -12.39 4.50 -6.70
C TYR A 40 -11.57 4.38 -5.42
N ALA A 41 -11.05 5.51 -4.93
CA ALA A 41 -10.21 5.61 -3.75
C ALA A 41 -11.06 6.10 -2.54
N ALA A 43 -10.86 6.56 2.00
CA ALA A 43 -10.00 6.70 3.16
C ALA A 43 -10.78 7.28 4.35
N ILE A 44 -10.43 6.80 5.53
CA ILE A 44 -10.98 7.21 6.80
C ILE A 44 -9.80 7.23 7.79
N PRO A 45 -9.77 8.17 8.72
CA PRO A 45 -8.68 8.13 9.70
C PRO A 45 -8.77 6.83 10.50
N ASN A 46 -7.64 6.16 10.61
CA ASN A 46 -7.62 4.78 11.08
C ASN A 46 -8.20 4.63 12.46
N GLU A 47 -8.07 5.63 13.32
CA GLU A 47 -8.56 5.50 14.69
C GLU A 47 -10.09 5.56 14.77
N LEU A 48 -10.75 6.04 13.72
CA LEU A 48 -12.20 6.28 13.73
C LEU A 48 -12.94 5.07 13.26
N GLY A 49 -12.34 4.27 12.40
CA GLY A 49 -13.00 3.04 12.00
C GLY A 49 -12.34 2.49 10.76
N LYS A 50 -13.08 1.67 10.02
CA LYS A 50 -12.54 1.00 8.85
C LYS A 50 -13.59 0.98 7.76
N LEU A 51 -13.13 0.75 6.54
CA LEU A 51 -13.98 0.73 5.37
C LEU A 51 -14.94 -0.48 5.42
N SER A 52 -16.26 -0.28 5.18
CA SER A 52 -17.25 -1.38 5.28
C SER A 52 -17.71 -1.92 3.93
N SER A 53 -18.00 -1.00 3.01
CA SER A 53 -18.58 -1.38 1.72
C SER A 53 -18.49 -0.23 0.72
N ALA A 54 -18.59 -0.59 -0.55
CA ALA A 54 -18.52 0.36 -1.64
C ALA A 54 -19.61 0.02 -2.63
N GLN A 55 -20.15 1.02 -3.30
CA GLN A 55 -21.24 0.80 -4.26
C GLN A 55 -21.12 1.72 -5.43
N VAL A 56 -21.61 1.29 -6.60
CA VAL A 56 -21.73 2.19 -7.76
CA VAL A 56 -21.77 2.23 -7.69
C VAL A 56 -23.10 1.97 -8.38
N VAL A 57 -23.77 3.07 -8.67
CA VAL A 57 -25.01 3.05 -9.38
C VAL A 57 -24.75 3.65 -10.75
N SER A 58 -24.97 2.89 -11.83
CA SER A 58 -24.89 3.46 -13.20
C SER A 58 -26.25 3.92 -13.64
N SER A 59 -26.28 4.82 -14.60
CA SER A 59 -27.55 5.40 -15.08
C SER A 59 -28.22 4.42 -16.03
N ILE A 60 -27.47 3.51 -16.64
CA ILE A 60 -28.03 2.44 -17.53
C ILE A 60 -27.36 1.16 -17.00
N ALA A 61 -28.17 0.17 -16.62
CA ALA A 61 -27.66 -1.04 -16.01
C ALA A 61 -26.57 -1.64 -16.90
N GLY A 62 -25.44 -2.01 -16.32
CA GLY A 62 -24.33 -2.59 -17.09
C GLY A 62 -24.64 -4.00 -17.57
N ALA A 63 -23.90 -4.49 -18.57
CA ALA A 63 -24.07 -5.84 -19.03
C ALA A 63 -23.45 -6.79 -18.03
N THR A 64 -23.76 -8.08 -18.20
CA THR A 64 -23.16 -9.14 -17.37
C THR A 64 -21.66 -9.08 -17.39
N GLY A 65 -21.05 -9.19 -16.21
CA GLY A 65 -19.61 -8.96 -16.11
C GLY A 65 -19.22 -7.63 -15.45
N THR A 66 -20.19 -6.74 -15.25
CA THR A 66 -19.98 -5.49 -14.54
C THR A 66 -19.61 -5.88 -13.11
N TYR A 67 -18.45 -5.41 -12.63
CA TYR A 67 -18.04 -5.75 -11.28
C TYR A 67 -16.98 -4.79 -10.68
N PHE A 68 -16.76 -4.92 -9.37
CA PHE A 68 -15.62 -4.39 -8.66
C PHE A 68 -14.66 -5.55 -8.50
N ASP A 69 -13.43 -5.36 -8.85
CA ASP A 69 -12.37 -6.35 -8.53
C ASP A 69 -12.23 -6.26 -7.02
N PRO A 70 -12.15 -7.42 -6.34
CA PRO A 70 -12.09 -7.44 -4.89
C PRO A 70 -10.74 -7.06 -4.30
N ASN A 71 -9.73 -6.77 -5.13
CA ASN A 71 -8.44 -6.37 -4.58
C ASN A 71 -8.33 -4.87 -4.48
N SER A 72 -7.78 -4.36 -3.39
CA SER A 72 -7.37 -3.00 -3.34
C SER A 72 -5.95 -2.95 -3.91
N TYR A 73 -5.70 -1.95 -4.74
CA TYR A 73 -4.41 -1.80 -5.41
C TYR A 73 -3.66 -0.72 -4.69
N TYR A 74 -2.66 -1.09 -3.91
CA TYR A 74 -1.73 -0.16 -3.23
C TYR A 74 -0.49 -0.02 -4.16
N THR A 75 0.31 1.01 -4.00
CA THR A 75 1.45 1.25 -4.91
C THR A 75 2.74 1.13 -4.12
N ASN A 76 3.74 0.38 -4.59
CA ASN A 76 5.02 0.32 -3.89
C ASN A 76 5.88 1.59 -4.20
N SER A 77 7.15 1.63 -3.77
CA SER A 77 8.09 2.75 -4.12
C SER A 77 8.33 2.84 -5.61
N SER A 78 8.50 1.69 -6.27
CA SER A 78 8.71 1.62 -7.72
C SER A 78 7.50 1.97 -8.60
N GLY A 79 6.40 2.41 -7.98
CA GLY A 79 5.19 2.70 -8.71
C GLY A 79 4.38 1.50 -9.21
N GLN A 80 4.75 0.26 -8.86
CA GLN A 80 3.97 -0.89 -9.35
CA GLN A 80 4.01 -0.96 -9.28
C GLN A 80 2.81 -1.23 -8.35
N ASP A 81 1.75 -1.79 -8.86
CA ASP A 81 0.58 -2.16 -8.06
C ASP A 81 0.86 -3.29 -7.09
N ILE A 82 0.32 -3.21 -5.88
CA ILE A 82 0.29 -4.37 -4.97
C ILE A 82 -1.18 -4.68 -4.72
N PRO A 83 -1.70 -5.77 -5.33
CA PRO A 83 -3.10 -6.11 -5.08
C PRO A 83 -3.18 -6.86 -3.75
N VAL A 84 -4.14 -6.45 -2.94
CA VAL A 84 -4.41 -7.03 -1.63
C VAL A 84 -5.91 -7.36 -1.62
N LYS A 85 -6.24 -8.62 -1.34
CA LYS A 85 -7.62 -9.08 -1.48
C LYS A 85 -8.40 -8.74 -0.23
N VAL A 86 -9.00 -7.57 -0.24
CA VAL A 86 -9.60 -7.00 0.95
C VAL A 86 -11.13 -7.12 0.96
N CYS A 87 -11.73 -7.53 -0.15
CA CYS A 87 -13.18 -7.66 -0.24
C CYS A 87 -13.62 -9.07 -0.64
N SER A 88 -14.87 -9.37 -0.39
CA SER A 88 -15.52 -10.53 -1.00
C SER A 88 -15.98 -10.13 -2.41
N ASP A 89 -16.53 -11.06 -3.20
CA ASP A 89 -16.91 -10.73 -4.59
C ASP A 89 -18.03 -9.67 -4.63
N SER A 90 -18.00 -8.82 -5.63
CA SER A 90 -19.07 -7.87 -5.83
C SER A 90 -20.35 -8.55 -6.30
N GLN A 91 -21.47 -7.86 -6.07
CA GLN A 91 -22.75 -8.31 -6.57
C GLN A 91 -23.39 -7.17 -7.32
N THR A 92 -23.89 -7.45 -8.50
CA THR A 92 -24.58 -6.44 -9.30
C THR A 92 -26.01 -6.83 -9.45
N ASN A 93 -26.94 -5.93 -9.10
CA ASN A 93 -28.34 -6.10 -9.47
C ASN A 93 -28.81 -4.87 -10.25
N GLY A 94 -29.01 -5.05 -11.55
CA GLY A 94 -29.38 -3.95 -12.44
C GLY A 94 -28.30 -2.86 -12.46
N THR A 95 -28.72 -1.66 -12.05
CA THR A 95 -27.81 -0.49 -12.06
C THR A 95 -26.81 -0.46 -10.94
N THR A 96 -27.00 -1.30 -9.93
CA THR A 96 -26.20 -1.20 -8.68
C THR A 96 -25.22 -2.33 -8.48
N THR A 97 -23.94 -2.00 -8.33
CA THR A 97 -22.91 -2.95 -7.95
C THR A 97 -22.47 -2.65 -6.52
N VAL A 98 -22.44 -3.64 -5.64
CA VAL A 98 -22.05 -3.46 -4.23
CA VAL A 98 -22.07 -3.46 -4.22
C VAL A 98 -20.94 -4.46 -3.91
N ILE A 99 -20.01 -4.04 -3.08
CA ILE A 99 -18.95 -4.92 -2.63
C ILE A 99 -18.62 -4.64 -1.14
N ASP A 100 -18.35 -5.71 -0.39
CA ASP A 100 -18.13 -5.63 1.06
C ASP A 100 -16.69 -5.87 1.38
N PHE A 101 -16.14 -5.09 2.33
CA PHE A 101 -14.80 -5.37 2.80
C PHE A 101 -14.83 -6.53 3.79
N THR A 102 -13.96 -7.52 3.68
CA THR A 102 -13.83 -8.55 4.69
C THR A 102 -12.51 -8.45 5.44
N VAL A 103 -11.65 -7.50 5.09
CA VAL A 103 -10.37 -7.27 5.76
C VAL A 103 -10.36 -5.82 6.32
N ASP A 104 -9.87 -5.63 7.53
CA ASP A 104 -9.83 -4.26 8.11
C ASP A 104 -8.76 -3.40 7.39
N THR A 105 -9.21 -2.30 6.84
CA THR A 105 -8.34 -1.27 6.37
C THR A 105 -8.98 0.11 6.48
N CYS A 106 -8.14 1.14 6.65
CA CYS A 106 -8.63 2.49 6.59
C CYS A 106 -8.57 3.18 5.22
N ALA A 107 -7.99 2.54 4.22
CA ALA A 107 -7.76 3.16 2.90
C ALA A 107 -7.66 2.07 1.83
N ALA A 108 -8.31 2.29 0.70
CA ALA A 108 -8.29 1.31 -0.39
C ALA A 108 -8.59 2.00 -1.70
N THR A 109 -8.11 1.43 -2.80
CA THR A 109 -8.50 1.81 -4.15
C THR A 109 -9.01 0.57 -4.85
N LEU A 110 -10.31 0.56 -5.18
CA LEU A 110 -10.94 -0.56 -5.87
C LEU A 110 -11.21 -0.15 -7.30
N ARG A 111 -11.02 -1.09 -8.22
CA ARG A 111 -11.29 -0.89 -9.64
C ARG A 111 -12.66 -1.39 -10.01
N TYR A 112 -13.46 -0.54 -10.63
CA TYR A 112 -14.80 -0.93 -11.07
C TYR A 112 -14.76 -1.00 -12.59
N TYR A 113 -15.39 -2.04 -13.15
CA TYR A 113 -15.51 -2.32 -14.61
C TYR A 113 -16.99 -2.32 -15.00
N TYR A 114 -17.40 -1.35 -15.81
CA TYR A 114 -18.75 -1.27 -16.32
C TYR A 114 -18.71 -1.83 -17.71
N ILE A 115 -19.45 -2.91 -17.97
CA ILE A 115 -19.46 -3.53 -19.28
C ILE A 115 -20.64 -2.91 -20.02
N ILE A 116 -20.34 -2.23 -21.12
CA ILE A 116 -21.29 -1.35 -21.82
C ILE A 116 -22.35 -2.22 -22.49
N PRO A 117 -23.64 -2.08 -22.11
CA PRO A 117 -24.69 -2.89 -22.66
C PRO A 117 -25.18 -2.32 -24.02
N GLU A 118 -25.80 -3.17 -24.83
CA GLU A 118 -26.47 -2.76 -26.07
C GLU A 118 -27.37 -1.58 -25.87
N GLU A 119 -28.17 -1.59 -24.80
CA GLU A 119 -29.10 -0.47 -24.60
C GLU A 119 -28.43 0.94 -24.43
N ALA A 120 -27.13 0.99 -24.13
CA ALA A 120 -26.40 2.25 -24.00
C ALA A 120 -25.89 2.78 -25.35
N ARG A 121 -26.04 2.04 -26.45
CA ARG A 121 -25.42 2.42 -27.74
C ARG A 121 -25.87 3.81 -28.13
N GLY A 122 -24.91 4.66 -28.51
CA GLY A 122 -25.25 6.05 -28.84
C GLY A 122 -25.82 6.94 -27.72
N LYS A 123 -25.83 6.50 -26.48
CA LYS A 123 -26.38 7.31 -25.38
C LYS A 123 -25.25 7.72 -24.46
N ASP A 124 -25.59 8.39 -23.36
CA ASP A 124 -24.63 8.80 -22.32
C ASP A 124 -24.82 7.87 -21.12
N VAL A 125 -23.78 7.63 -20.34
CA VAL A 125 -23.96 6.89 -19.10
C VAL A 125 -23.23 7.68 -18.01
N GLN A 126 -23.85 7.80 -16.83
CA GLN A 126 -23.21 8.42 -15.67
C GLN A 126 -23.19 7.50 -14.48
N PHE A 127 -22.39 7.90 -13.47
CA PHE A 127 -22.07 7.04 -12.36
C PHE A 127 -22.05 7.77 -11.00
N SER A 128 -22.60 7.11 -10.02
CA SER A 128 -22.55 7.55 -8.67
C SER A 128 -21.91 6.50 -7.76
N PHE A 129 -20.68 6.81 -7.27
CA PHE A 129 -19.93 5.91 -6.40
C PHE A 129 -20.17 6.33 -4.95
N SER A 130 -20.22 5.37 -4.02
CA SER A 130 -20.36 5.67 -2.58
C SER A 130 -19.69 4.61 -1.74
N VAL A 131 -19.39 4.99 -0.49
CA VAL A 131 -18.64 4.22 0.44
C VAL A 131 -19.29 4.36 1.82
N LYS A 132 -19.24 3.29 2.60
CA LYS A 132 -19.69 3.31 4.00
C LYS A 132 -18.52 2.84 4.86
N ALA A 133 -18.37 3.43 6.05
CA ALA A 133 -17.39 2.98 7.03
C ALA A 133 -18.07 2.55 8.35
N SER A 134 -17.28 1.93 9.21
CA SER A 134 -17.80 1.27 10.40
C SER A 134 -18.17 2.25 11.50
N ASN A 135 -17.90 3.53 11.32
CA ASN A 135 -18.41 4.57 12.25
C ASN A 135 -19.74 5.17 11.81
N GLY A 136 -20.40 4.60 10.81
CA GLY A 136 -21.67 5.14 10.29
C GLY A 136 -21.53 6.29 9.29
N GLN A 137 -20.32 6.72 8.99
CA GLN A 137 -20.14 7.78 8.02
C GLN A 137 -20.29 7.21 6.59
N VAL A 138 -20.64 8.10 5.67
CA VAL A 138 -20.78 7.79 4.24
C VAL A 138 -20.05 8.85 3.41
N ALA A 139 -19.72 8.54 2.17
CA ALA A 139 -19.26 9.57 1.22
C ALA A 139 -19.63 9.10 -0.17
N GLU A 140 -19.64 10.02 -1.14
CA GLU A 140 -20.12 9.75 -2.45
C GLU A 140 -19.34 10.61 -3.44
N TYR A 141 -19.32 10.19 -4.71
CA TYR A 141 -18.58 10.85 -5.74
C TYR A 141 -19.23 10.52 -7.07
N LYS A 142 -19.54 11.53 -7.88
CA LYS A 142 -20.24 11.33 -9.18
C LYS A 142 -19.29 11.57 -10.31
N LEU A 143 -19.43 10.79 -11.38
CA LEU A 143 -18.67 10.95 -12.62
C LEU A 143 -19.60 10.81 -13.85
N GLY A 144 -19.21 11.49 -14.91
CA GLY A 144 -19.93 11.47 -16.17
C GLY A 144 -20.89 12.64 -16.31
N PRO A 145 -21.66 12.66 -17.39
CA PRO A 145 -21.88 11.52 -18.28
C PRO A 145 -20.73 11.27 -19.25
N TYR A 146 -20.66 10.05 -19.71
CA TYR A 146 -19.74 9.67 -20.74
C TYR A 146 -20.50 9.15 -21.96
N LYS A 147 -20.02 9.53 -23.14
CA LYS A 147 -20.71 9.18 -24.42
C LYS A 147 -20.38 7.75 -24.82
N ILE A 148 -21.39 6.99 -25.23
CA ILE A 148 -21.18 5.65 -25.74
C ILE A 148 -21.26 5.73 -27.28
N SER A 149 -20.31 5.06 -27.94
CA SER A 149 -20.21 5.02 -29.37
C SER A 149 -21.38 4.30 -29.99
N LYS A 150 -21.69 4.62 -31.24
CA LYS A 150 -22.60 3.82 -32.10
C LYS A 150 -21.94 2.63 -32.75
N ASP A 152 -19.98 -0.83 -33.82
CA ASP A 152 -19.78 -2.23 -33.50
C ASP A 152 -18.33 -2.59 -33.74
N ALA A 154 -15.66 -6.20 -33.92
CA ALA A 154 -15.47 -7.66 -33.84
C ALA A 154 -14.00 -7.89 -34.05
N LYS A 155 -13.38 -8.65 -33.18
CA LYS A 155 -11.93 -8.77 -33.20
C LYS A 155 -11.51 -10.19 -33.47
N ASN A 156 -10.36 -10.31 -34.11
CA ASN A 156 -9.64 -11.58 -34.28
C ASN A 156 -10.47 -12.66 -34.97
N LEU A 157 -11.01 -12.33 -36.13
CA LEU A 157 -11.77 -13.26 -36.93
C LEU A 157 -10.86 -13.94 -37.96
N SER A 158 -11.15 -15.20 -38.25
CA SER A 158 -10.37 -16.02 -39.15
C SER A 158 -10.87 -15.98 -40.59
N VAL A 159 -9.98 -15.65 -41.53
CA VAL A 159 -10.34 -15.49 -42.93
C VAL A 159 -9.39 -16.42 -43.69
N THR A 160 -9.95 -17.28 -44.52
CA THR A 160 -9.15 -18.25 -45.23
C THR A 160 -9.73 -18.32 -46.66
N ASN A 161 -9.11 -19.08 -47.56
CA ASN A 161 -9.66 -19.19 -48.91
C ASN A 161 -11.08 -19.80 -48.95
N ASP A 162 -11.41 -20.61 -47.97
CA ASP A 162 -12.76 -21.12 -47.81
C ASP A 162 -13.68 -20.26 -46.96
N LYS A 163 -13.13 -19.59 -45.97
CA LYS A 163 -13.87 -18.75 -45.04
C LYS A 163 -13.61 -17.32 -45.47
N CYS A 164 -14.16 -17.01 -46.62
CA CYS A 164 -13.70 -15.95 -47.44
C CYS A 164 -14.70 -14.86 -47.77
N TYR A 165 -15.92 -14.92 -47.24
CA TYR A 165 -16.96 -13.98 -47.69
C TYR A 165 -17.33 -13.07 -46.51
N LEU A 166 -16.90 -11.81 -46.57
CA LEU A 166 -17.14 -10.84 -45.50
C LEU A 166 -18.46 -10.09 -45.70
N SER A 167 -19.34 -10.15 -44.68
CA SER A 167 -20.59 -9.38 -44.68
C SER A 167 -20.56 -8.37 -43.56
N PHE A 168 -20.89 -7.14 -43.92
CA PHE A 168 -20.93 -6.06 -42.94
C PHE A 168 -22.37 -5.73 -42.63
N LEU A 169 -23.30 -6.65 -42.91
CA LEU A 169 -24.72 -6.32 -42.87
C LEU A 169 -25.47 -6.91 -41.70
N ASN A 170 -24.86 -7.73 -40.86
CA ASN A 170 -25.62 -8.41 -39.83
C ASN A 170 -25.83 -7.52 -38.59
N GLU A 171 -26.97 -7.66 -37.95
CA GLU A 171 -27.25 -6.87 -36.73
C GLU A 171 -26.24 -7.11 -35.60
N GLY A 172 -25.75 -6.04 -35.00
CA GLY A 172 -24.87 -6.15 -33.86
C GLY A 172 -23.52 -6.81 -34.14
N GLU A 173 -23.17 -7.03 -35.41
CA GLU A 173 -21.95 -7.79 -35.76
C GLU A 173 -21.14 -6.97 -36.74
N ALA A 174 -19.97 -6.44 -36.34
CA ALA A 174 -19.22 -5.54 -37.19
C ALA A 174 -18.88 -6.17 -38.59
N VAL A 175 -18.50 -7.44 -38.57
CA VAL A 175 -18.29 -8.23 -39.77
C VAL A 175 -18.67 -9.66 -39.42
N HIS A 176 -19.11 -10.41 -40.41
CA HIS A 176 -19.35 -11.87 -40.27
C HIS A 176 -18.71 -12.54 -41.43
N ILE A 177 -17.98 -13.64 -41.19
CA ILE A 177 -17.24 -14.38 -42.23
C ILE A 177 -18.07 -15.60 -42.57
N TYR A 178 -18.58 -15.64 -43.79
CA TYR A 178 -19.35 -16.76 -44.31
C TYR A 178 -18.38 -17.54 -45.12
N SER A 179 -18.59 -18.84 -45.19
CA SER A 179 -17.72 -19.74 -45.98
C SER A 179 -18.34 -20.18 -47.24
N LYS A 180 -17.56 -20.87 -48.06
CA LYS A 180 -18.07 -21.51 -49.21
C LYS A 180 -19.10 -22.60 -48.88
N ALA A 181 -18.90 -23.34 -47.79
CA ALA A 181 -19.89 -24.37 -47.40
C ALA A 181 -21.21 -23.64 -46.99
N ASP A 182 -21.11 -22.52 -46.31
CA ASP A 182 -22.33 -21.73 -45.92
C ASP A 182 -23.15 -21.36 -47.15
N LEU A 183 -22.48 -20.88 -48.19
CA LEU A 183 -23.14 -20.50 -49.42
C LEU A 183 -23.66 -21.68 -50.21
N GLN A 184 -23.03 -22.85 -50.11
CA GLN A 184 -23.58 -24.00 -50.82
C GLN A 184 -24.92 -24.46 -50.15
N ALA A 185 -24.96 -24.36 -48.82
CA ALA A 185 -26.10 -24.79 -47.99
C ALA A 185 -27.25 -23.75 -48.07
N ASN A 186 -26.91 -22.46 -48.11
CA ASN A 186 -27.83 -21.33 -48.12
C ASN A 186 -27.44 -20.30 -49.21
N PRO A 187 -27.75 -20.59 -50.47
CA PRO A 187 -27.29 -19.70 -51.55
C PRO A 187 -27.75 -18.23 -51.41
N SER A 188 -28.81 -17.98 -50.66
CA SER A 188 -29.30 -16.61 -50.43
C SER A 188 -28.28 -15.76 -49.69
N LEU A 189 -27.32 -16.37 -48.99
CA LEU A 189 -26.31 -15.59 -48.29
C LEU A 189 -25.42 -14.76 -49.25
N ALA A 190 -25.25 -15.18 -50.49
CA ALA A 190 -24.46 -14.37 -51.47
C ALA A 190 -24.87 -12.88 -51.53
N ALA A 191 -26.16 -12.60 -51.36
CA ALA A 191 -26.71 -11.25 -51.37
C ALA A 191 -26.19 -10.36 -50.24
N LYS A 192 -25.73 -10.95 -49.15
CA LYS A 192 -25.20 -10.26 -47.97
C LYS A 192 -23.69 -10.02 -48.04
N ILE A 193 -23.01 -10.59 -49.03
CA ILE A 193 -21.56 -10.53 -49.10
C ILE A 193 -21.14 -9.21 -49.73
N ASP A 194 -20.23 -8.53 -49.03
CA ASP A 194 -19.67 -7.27 -49.44
C ASP A 194 -18.28 -7.40 -50.02
N ILE A 195 -17.49 -8.30 -49.49
CA ILE A 195 -16.09 -8.47 -49.92
C ILE A 195 -15.78 -9.97 -49.98
N TYR A 197 -12.50 -12.32 -49.98
CA TYR A 197 -11.05 -12.50 -49.81
C TYR A 197 -10.56 -13.64 -50.66
N ALA A 198 -9.35 -13.52 -51.20
CA ALA A 198 -8.64 -14.65 -51.85
C ALA A 198 -7.14 -14.43 -51.74
N TYR A 199 -6.37 -15.51 -51.58
CA TYR A 199 -4.90 -15.48 -51.62
C TYR A 199 -4.41 -16.04 -52.91
N SER A 200 -3.50 -15.34 -53.59
CA SER A 200 -2.88 -15.84 -54.80
C SER A 200 -1.41 -16.03 -54.54
N GLU A 201 -0.85 -17.07 -55.16
CA GLU A 201 0.61 -17.28 -55.00
C GLU A 201 1.45 -16.38 -55.91
N LYS A 202 0.80 -15.62 -56.78
CA LYS A 202 1.42 -14.49 -57.51
C LYS A 202 1.59 -13.35 -56.53
N SER A 203 2.84 -12.96 -56.29
CA SER A 203 3.20 -12.00 -55.21
C SER A 203 2.69 -10.57 -55.42
N ASP A 204 2.37 -10.25 -56.68
CA ASP A 204 1.69 -9.00 -57.05
C ASP A 204 0.23 -8.90 -56.54
N LEU A 205 -0.43 -10.06 -56.34
CA LEU A 205 -1.83 -10.15 -55.86
C LEU A 205 -1.81 -10.51 -54.40
N SER A 206 -1.13 -11.60 -54.06
CA SER A 206 -0.97 -11.98 -52.67
C SER A 206 -2.36 -12.05 -51.98
N HIS A 207 -2.47 -11.52 -50.78
CA HIS A 207 -3.74 -11.47 -50.06
C HIS A 207 -4.57 -10.36 -50.56
N ALA A 208 -5.76 -10.63 -51.08
CA ALA A 208 -6.56 -9.62 -51.78
C ALA A 208 -8.04 -9.59 -51.32
N PHE A 209 -8.67 -8.42 -51.47
CA PHE A 209 -10.13 -8.25 -51.26
C PHE A 209 -10.73 -7.83 -52.61
N TYR A 210 -11.81 -8.48 -52.98
CA TYR A 210 -12.49 -8.25 -54.23
C TYR A 210 -13.96 -8.02 -53.97
N THR A 211 -14.61 -7.41 -54.96
CA THR A 211 -15.99 -7.00 -54.82
C THR A 211 -16.65 -7.16 -56.19
N SER A 212 -17.94 -6.90 -56.32
CA SER A 212 -18.67 -7.30 -57.53
C SER A 212 -18.02 -6.79 -58.82
N SER A 213 -17.45 -5.59 -58.81
CA SER A 213 -16.85 -5.03 -60.03
C SER A 213 -15.34 -5.14 -60.10
N SER A 214 -14.69 -5.92 -59.25
CA SER A 214 -13.24 -5.99 -59.34
C SER A 214 -12.87 -6.44 -60.76
N PRO A 215 -11.83 -5.86 -61.36
CA PRO A 215 -11.48 -6.34 -62.71
C PRO A 215 -10.85 -7.71 -62.69
N LYS A 216 -11.29 -8.56 -63.62
CA LYS A 216 -10.79 -9.90 -63.77
C LYS A 216 -9.26 -9.93 -63.76
N GLU A 217 -8.65 -8.97 -64.40
CA GLU A 217 -7.21 -9.05 -64.54
C GLU A 217 -6.47 -9.00 -63.19
N TYR A 218 -7.10 -8.53 -62.11
CA TYR A 218 -6.38 -8.48 -60.82
C TYR A 218 -6.82 -9.58 -59.86
N GLY A 220 -6.54 -13.05 -60.42
CA GLY A 220 -5.76 -14.29 -60.54
C GLY A 220 -6.61 -15.56 -60.55
N GLY A 221 -7.66 -15.58 -61.35
CA GLY A 221 -8.50 -16.78 -61.45
C GLY A 221 -9.57 -16.99 -60.41
N THR A 222 -9.58 -16.22 -59.32
CA THR A 222 -10.67 -16.27 -58.35
C THR A 222 -11.93 -15.82 -59.04
N GLU A 223 -13.04 -16.44 -58.72
CA GLU A 223 -14.33 -16.01 -59.24
C GLU A 223 -15.30 -15.70 -58.10
N LEU A 224 -16.16 -14.72 -58.34
CA LEU A 224 -17.27 -14.43 -57.41
C LEU A 224 -18.39 -15.47 -57.53
N PRO A 225 -19.05 -15.83 -56.41
CA PRO A 225 -20.21 -16.68 -56.58
C PRO A 225 -21.36 -15.89 -57.21
N SER A 226 -22.32 -16.56 -57.84
CA SER A 226 -23.44 -15.82 -58.41
C SER A 226 -24.30 -15.35 -57.24
N GLY A 227 -24.85 -14.19 -57.39
CA GLY A 227 -25.62 -13.57 -56.34
C GLY A 227 -24.79 -12.57 -55.60
N PHE A 228 -23.45 -12.61 -55.77
CA PHE A 228 -22.60 -11.57 -55.15
C PHE A 228 -22.70 -10.31 -56.01
N VAL A 229 -23.58 -9.41 -55.62
CA VAL A 229 -23.87 -8.22 -56.44
C VAL A 229 -23.47 -6.89 -55.77
N ASN A 230 -23.18 -6.89 -54.48
CA ASN A 230 -22.79 -5.65 -53.80
C ASN A 230 -21.43 -5.10 -54.28
N ASN A 231 -21.43 -3.84 -54.67
CA ASN A 231 -20.22 -3.17 -55.10
C ASN A 231 -19.70 -2.30 -53.98
N THR A 232 -18.86 -2.87 -53.18
CA THR A 232 -18.31 -2.21 -52.03
C THR A 232 -17.19 -1.24 -52.40
N LYS A 233 -17.17 -0.07 -51.77
CA LYS A 233 -16.13 0.92 -51.94
C LYS A 233 -15.05 0.67 -50.90
N ILE A 235 -10.76 1.68 -49.60
CA ILE A 235 -9.50 2.44 -49.68
C ILE A 235 -8.47 1.71 -48.80
N LYS A 236 -7.35 1.33 -49.38
CA LYS A 236 -6.27 0.63 -48.65
C LYS A 236 -5.54 1.62 -47.77
N VAL A 237 -5.22 1.22 -46.55
CA VAL A 237 -4.60 2.07 -45.60
C VAL A 237 -3.32 1.39 -45.08
N TYR A 238 -2.30 2.22 -44.84
CA TYR A 238 -1.06 1.84 -44.21
C TYR A 238 -0.95 2.69 -42.93
N GLY A 239 -0.43 2.13 -41.85
CA GLY A 239 -0.01 2.96 -40.70
C GLY A 239 -1.15 3.40 -39.80
N LEU A 240 -2.28 2.68 -39.83
CA LEU A 240 -3.40 2.94 -38.94
C LEU A 240 -3.73 1.71 -38.06
N GLN A 241 -2.81 1.48 -37.15
CA GLN A 241 -2.91 0.39 -36.19
C GLN A 241 -3.78 0.78 -34.98
N ASP A 242 -5.09 0.88 -35.25
CA ASP A 242 -6.10 1.22 -34.25
C ASP A 242 -5.83 0.39 -33.00
N ARG A 243 -5.78 1.07 -31.86
CA ARG A 243 -5.37 0.41 -30.59
C ARG A 243 -6.39 -0.63 -30.13
N GLN A 244 -7.66 -0.32 -30.28
CA GLN A 244 -8.71 -1.23 -29.86
C GLN A 244 -8.78 -2.47 -30.78
N LEU A 245 -8.50 -2.28 -32.06
CA LEU A 245 -8.50 -3.40 -33.00
C LEU A 245 -7.24 -4.20 -32.99
N SER A 246 -6.10 -3.57 -32.65
CA SER A 246 -4.79 -4.18 -32.85
C SER A 246 -4.12 -4.63 -31.56
N ASP A 247 -4.53 -4.05 -30.44
CA ASP A 247 -3.83 -4.20 -29.16
C ASP A 247 -2.34 -3.91 -29.20
N LEU A 248 -1.93 -3.05 -30.10
CA LEU A 248 -0.56 -2.64 -30.19
C LEU A 248 -0.47 -1.34 -29.33
N GLN A 249 0.65 -0.68 -29.39
CA GLN A 249 0.97 0.44 -28.50
C GLN A 249 0.63 1.81 -29.13
N TYR A 250 0.37 1.86 -30.42
CA TYR A 250 0.13 3.15 -31.05
C TYR A 250 -1.13 3.80 -30.47
N SER A 251 -1.05 5.09 -30.18
CA SER A 251 -2.20 5.83 -29.65
C SER A 251 -3.02 6.35 -30.86
N LYS A 252 -3.64 5.40 -31.57
CA LYS A 252 -4.45 5.65 -32.75
C LYS A 252 -5.83 5.03 -32.51
N PHE A 253 -6.89 5.85 -32.59
CA PHE A 253 -8.27 5.40 -32.32
C PHE A 253 -9.23 5.94 -33.40
N ILE A 254 -9.89 5.05 -34.11
CA ILE A 254 -10.95 5.44 -35.02
C ILE A 254 -12.24 5.60 -34.20
N ASP A 255 -12.88 6.76 -34.33
CA ASP A 255 -14.10 7.04 -33.58
C ASP A 255 -15.26 7.38 -34.50
N ASP A 256 -16.44 7.55 -33.92
CA ASP A 256 -17.63 7.80 -34.73
C ASP A 256 -17.42 8.95 -35.74
N LEU A 257 -16.84 10.06 -35.30
CA LEU A 257 -16.69 11.24 -36.16
C LEU A 257 -15.82 10.96 -37.39
N ASP A 258 -14.78 10.15 -37.19
CA ASP A 258 -13.91 9.74 -38.31
C ASP A 258 -14.70 9.01 -39.38
N PHE A 259 -15.63 8.14 -38.99
CA PHE A 259 -16.47 7.47 -39.96
C PHE A 259 -17.40 8.40 -40.67
N GLU A 260 -17.95 9.36 -39.92
CA GLU A 260 -18.84 10.35 -40.51
C GLU A 260 -18.16 11.23 -41.53
N THR A 261 -16.87 11.50 -41.32
CA THR A 261 -16.20 12.56 -42.08
C THR A 261 -15.13 11.99 -43.05
N ILE A 262 -14.84 10.70 -43.03
CA ILE A 262 -13.85 10.11 -43.97
C ILE A 262 -14.25 10.34 -45.43
N ASP A 263 -13.33 10.85 -46.26
CA ASP A 263 -13.63 11.08 -47.68
C ASP A 263 -13.44 9.79 -48.45
N SER A 265 -14.20 9.50 -51.72
CA SER A 265 -14.18 9.86 -53.14
C SER A 265 -13.20 9.06 -53.95
N LYS A 266 -11.98 8.94 -53.44
CA LYS A 266 -10.91 8.32 -54.20
C LYS A 266 -10.87 6.83 -53.82
N CYS A 267 -12.00 6.15 -53.92
CA CYS A 267 -12.05 4.70 -53.58
C CYS A 267 -11.71 3.79 -54.76
N THR A 268 -11.52 2.52 -54.46
CA THR A 268 -11.24 1.51 -55.46
C THR A 268 -12.21 0.31 -55.23
N ASN A 269 -12.22 -0.60 -56.18
CA ASN A 269 -13.08 -1.79 -56.09
C ASN A 269 -12.29 -3.08 -55.94
N TYR A 270 -11.00 -2.97 -55.60
CA TYR A 270 -10.19 -4.11 -55.21
C TYR A 270 -8.97 -3.62 -54.40
N ILE A 271 -8.40 -4.49 -53.56
CA ILE A 271 -7.18 -4.22 -52.79
C ILE A 271 -6.26 -5.45 -52.89
N LEU A 272 -5.00 -5.25 -53.27
CA LEU A 272 -3.99 -6.35 -53.39
C LEU A 272 -2.91 -6.14 -52.33
N GLY A 273 -2.09 -7.16 -52.12
CA GLY A 273 -0.95 -7.09 -51.20
C GLY A 273 -1.28 -6.75 -49.76
N LEU A 274 -2.40 -7.25 -49.23
CA LEU A 274 -2.68 -7.08 -47.82
C LEU A 274 -1.66 -7.84 -46.94
N LYS A 275 -1.37 -7.29 -45.76
CA LYS A 275 -0.45 -7.93 -44.84
C LYS A 275 -0.66 -7.37 -43.48
N GLU A 276 0.05 -7.92 -42.52
CA GLU A 276 -0.04 -7.51 -41.17
C GLU A 276 0.07 -5.99 -41.06
N GLU A 277 -0.86 -5.39 -40.32
CA GLU A 277 -0.90 -3.94 -40.01
C GLU A 277 -1.51 -3.10 -41.12
N ALA A 278 -1.77 -3.71 -42.28
CA ALA A 278 -2.54 -3.03 -43.32
C ALA A 278 -4.00 -2.93 -42.88
N GLY A 279 -4.71 -2.05 -43.55
CA GLY A 279 -6.10 -1.84 -43.25
C GLY A 279 -6.86 -1.39 -44.48
N ALA A 280 -8.18 -1.30 -44.33
CA ALA A 280 -9.03 -0.86 -45.45
C ALA A 280 -10.25 -0.12 -44.89
N TRP A 281 -10.49 1.09 -45.37
CA TRP A 281 -11.79 1.74 -45.18
C TRP A 281 -12.78 1.16 -46.17
N VAL A 282 -14.01 0.87 -45.73
CA VAL A 282 -15.05 0.21 -46.53
C VAL A 282 -16.36 1.02 -46.41
N GLU A 283 -17.07 1.19 -47.52
CA GLU A 283 -18.48 1.66 -47.49
C GLU A 283 -19.31 0.70 -48.29
N THR A 284 -20.37 0.18 -47.70
CA THR A 284 -21.20 -0.84 -48.36
C THR A 284 -21.98 -0.23 -49.50
N ALA A 285 -22.41 -1.08 -50.43
CA ALA A 285 -22.95 -0.60 -51.74
C ALA A 285 -24.05 0.46 -51.58
N ASP A 286 -24.90 0.27 -50.60
CA ASP A 286 -26.05 1.17 -50.39
C ASP A 286 -25.70 2.41 -49.51
N GLY A 287 -24.46 2.51 -49.01
CA GLY A 287 -24.05 3.62 -48.12
C GLY A 287 -24.50 3.44 -46.69
N LYS A 288 -25.10 2.27 -46.39
CA LYS A 288 -25.68 2.03 -45.07
C LYS A 288 -24.64 1.97 -43.96
N TYR A 289 -23.51 1.33 -44.21
CA TYR A 289 -22.50 1.12 -43.22
C TYR A 289 -21.15 1.50 -43.81
N ARG A 290 -20.33 2.08 -42.95
CA ARG A 290 -18.90 2.18 -43.21
C ARG A 290 -18.14 1.32 -42.19
N ALA A 291 -16.92 0.90 -42.54
CA ALA A 291 -16.17 0.03 -41.66
C ALA A 291 -14.68 0.27 -41.89
N TYR A 292 -13.87 -0.19 -40.93
CA TYR A 292 -12.42 -0.29 -41.09
C TYR A 292 -11.99 -1.73 -40.77
N VAL A 293 -11.36 -2.39 -41.73
CA VAL A 293 -10.88 -3.75 -41.59
C VAL A 293 -9.40 -3.65 -41.29
N TYR A 294 -8.97 -4.21 -40.16
CA TYR A 294 -7.57 -4.19 -39.78
C TYR A 294 -7.02 -5.60 -39.91
N ILE A 295 -5.86 -5.75 -40.53
CA ILE A 295 -5.21 -7.03 -40.67
C ILE A 295 -4.28 -7.26 -39.46
N ASN A 296 -4.70 -8.08 -38.50
CA ASN A 296 -3.89 -8.36 -37.32
C ASN A 296 -2.65 -9.16 -37.68
N LYS A 297 -2.78 -10.10 -38.62
CA LYS A 297 -1.64 -10.97 -39.04
CA LYS A 297 -1.72 -11.12 -38.96
C LYS A 297 -2.10 -11.73 -40.27
N ALA A 298 -1.16 -12.21 -41.06
CA ALA A 298 -1.48 -12.92 -42.27
C ALA A 298 -0.38 -13.94 -42.50
N SER A 299 -0.77 -15.18 -42.78
CA SER A 299 0.14 -16.23 -43.33
C SER A 299 -0.45 -16.72 -44.64
N ALA A 300 0.29 -17.52 -45.41
CA ALA A 300 -0.22 -18.06 -46.65
C ALA A 300 -1.59 -18.73 -46.44
N SER A 301 -1.86 -19.32 -45.28
CA SER A 301 -3.09 -20.12 -45.11
C SER A 301 -4.21 -19.47 -44.30
N GLU A 302 -3.91 -18.37 -43.60
CA GLU A 302 -4.88 -17.74 -42.76
C GLU A 302 -4.64 -16.24 -42.47
N VAL A 303 -5.68 -15.43 -42.62
CA VAL A 303 -5.59 -14.00 -42.29
C VAL A 303 -6.46 -13.81 -41.06
N THR A 304 -6.01 -12.99 -40.09
CA THR A 304 -6.79 -12.64 -38.95
C THR A 304 -7.14 -11.17 -39.12
N VAL A 305 -8.42 -10.86 -39.03
CA VAL A 305 -8.94 -9.50 -39.18
C VAL A 305 -9.76 -9.08 -38.00
N SER A 306 -9.78 -7.78 -37.77
CA SER A 306 -10.64 -7.14 -36.74
C SER A 306 -11.31 -5.92 -37.38
N VAL A 307 -12.56 -5.64 -37.04
CA VAL A 307 -13.36 -4.67 -37.78
C VAL A 307 -14.14 -3.75 -36.84
N LYS A 308 -14.11 -2.46 -37.12
CA LYS A 308 -15.04 -1.48 -36.53
C LYS A 308 -16.03 -1.13 -37.62
N ARG A 309 -17.31 -1.10 -37.26
CA ARG A 309 -18.34 -0.75 -38.22
C ARG A 309 -19.19 0.37 -37.65
N TYR A 310 -19.66 1.25 -38.52
CA TYR A 310 -20.51 2.37 -38.15
C TYR A 310 -21.67 2.50 -39.10
N LYS A 311 -22.88 2.57 -38.55
CA LYS A 311 -24.09 2.76 -39.36
C LYS A 311 -24.30 4.25 -39.62
N ASP B 11 13.88 -5.52 -14.42
CA ASP B 11 12.98 -6.41 -13.63
C ASP B 11 13.37 -6.33 -12.12
N PRO B 12 12.40 -6.47 -11.16
CA PRO B 12 12.85 -6.76 -9.78
C PRO B 12 12.94 -8.31 -9.56
N VAL B 13 13.23 -8.73 -8.33
CA VAL B 13 13.53 -10.14 -8.09
C VAL B 13 12.40 -11.11 -8.55
N SER B 14 12.73 -12.01 -9.46
CA SER B 14 11.72 -12.87 -10.08
C SER B 14 11.43 -14.12 -9.23
N ALA B 15 11.28 -13.88 -7.94
CA ALA B 15 11.05 -14.90 -6.93
C ALA B 15 10.73 -14.14 -5.61
N LEU B 16 10.32 -14.88 -4.59
CA LEU B 16 10.18 -14.34 -3.23
C LEU B 16 11.41 -13.65 -2.80
N SER B 17 11.29 -12.42 -2.33
CA SER B 17 12.41 -11.70 -1.80
C SER B 17 12.06 -10.94 -0.50
N ASN B 18 13.09 -10.47 0.20
CA ASN B 18 12.86 -9.78 1.49
C ASN B 18 13.92 -8.74 1.79
N ASP B 19 13.59 -7.83 2.68
CA ASP B 19 14.51 -6.81 3.15
C ASP B 19 14.03 -6.34 4.51
N CYS B 20 14.92 -5.96 5.41
CA CYS B 20 14.50 -5.58 6.74
C CYS B 20 15.31 -4.38 7.19
N ILE B 21 14.64 -3.40 7.81
CA ILE B 21 15.30 -2.19 8.31
C ILE B 21 14.96 -1.99 9.79
N LYS B 22 15.98 -1.73 10.61
CA LYS B 22 15.75 -1.38 12.00
C LYS B 22 15.14 0.01 11.99
N ARG B 23 13.98 0.20 12.60
CA ARG B 23 13.36 1.53 12.67
C ARG B 23 13.91 2.34 13.85
N SER B 24 14.14 1.68 14.97
CA SER B 24 14.81 2.35 16.08
C SER B 24 16.11 3.04 15.63
N LEU B 25 16.39 4.21 16.18
CA LEU B 25 17.55 5.01 15.74
C LEU B 25 18.91 4.44 16.25
N PRO B 26 19.95 4.44 15.38
CA PRO B 26 21.28 3.91 15.75
C PRO B 26 21.95 4.61 16.95
N VAL B 27 21.64 5.89 17.16
CA VAL B 27 22.17 6.61 18.31
C VAL B 27 21.39 6.31 19.59
N ALA B 28 20.19 5.72 19.48
CA ALA B 28 19.34 5.59 20.67
C ALA B 28 19.76 4.31 21.41
N PRO B 29 20.17 4.42 22.69
CA PRO B 29 20.56 3.18 23.34
C PRO B 29 19.37 2.23 23.53
N ASN B 30 19.69 0.95 23.49
CA ASN B 30 18.72 -0.13 23.61
C ASN B 30 18.72 -0.54 25.11
N ILE B 31 17.67 -0.11 25.82
CA ILE B 31 17.51 -0.27 27.25
C ILE B 31 16.48 -1.38 27.57
N VAL B 32 16.81 -2.23 28.52
CA VAL B 32 15.92 -3.26 29.05
C VAL B 32 14.52 -2.73 29.31
N GLY B 33 13.50 -3.51 28.90
CA GLY B 33 12.12 -3.08 29.05
C GLY B 33 11.63 -2.30 27.85
N ASN B 34 12.50 -1.78 27.00
CA ASN B 34 12.06 -0.98 25.82
C ASN B 34 12.02 -1.92 24.59
N GLU B 35 11.47 -1.41 23.54
CA GLU B 35 11.39 -2.18 22.30
C GLU B 35 12.49 -1.81 21.32
N ILE B 36 12.91 -2.79 20.49
CA ILE B 36 13.67 -2.53 19.26
C ILE B 36 12.67 -2.91 18.15
N GLU B 37 12.43 -1.95 17.28
CA GLU B 37 11.42 -2.04 16.24
C GLU B 37 12.05 -2.21 14.87
N PHE B 38 11.51 -3.15 14.10
CA PHE B 38 12.02 -3.49 12.77
C PHE B 38 10.85 -3.42 11.76
N ALA B 39 11.14 -3.09 10.50
CA ALA B 39 10.17 -3.12 9.41
C ALA B 39 10.66 -4.16 8.41
N TYR B 40 9.94 -5.28 8.32
CA TYR B 40 10.34 -6.44 7.52
C TYR B 40 9.46 -6.45 6.26
N ALA B 41 10.09 -6.20 5.10
CA ALA B 41 9.45 -6.15 3.79
C ALA B 41 9.63 -7.44 3.05
N ALA B 43 8.23 -9.60 -0.73
CA ALA B 43 7.57 -9.42 -2.07
C ALA B 43 7.81 -10.65 -2.94
N ILE B 44 6.77 -11.04 -3.67
CA ILE B 44 6.80 -12.12 -4.59
C ILE B 44 6.06 -11.62 -5.81
N PRO B 45 6.55 -11.93 -7.03
CA PRO B 45 5.75 -11.54 -8.17
C PRO B 45 4.36 -12.17 -8.08
N ASN B 46 3.32 -11.35 -8.29
CA ASN B 46 1.94 -11.76 -8.04
C ASN B 46 1.48 -12.96 -8.80
N GLU B 47 2.01 -13.16 -10.00
CA GLU B 47 1.63 -14.31 -10.83
C GLU B 47 2.25 -15.64 -10.35
N LEU B 48 3.29 -15.58 -9.52
CA LEU B 48 3.96 -16.78 -8.98
C LEU B 48 3.32 -17.31 -7.69
N GLY B 49 2.74 -16.43 -6.87
CA GLY B 49 2.01 -16.90 -5.72
C GLY B 49 1.78 -15.74 -4.77
N LYS B 50 1.61 -16.07 -3.50
CA LYS B 50 1.26 -15.10 -2.46
C LYS B 50 2.04 -15.38 -1.18
N LEU B 51 2.15 -14.38 -0.33
CA LEU B 51 2.86 -14.53 0.93
C LEU B 51 2.07 -15.47 1.87
N SER B 52 2.77 -16.42 2.55
CA SER B 52 2.14 -17.37 3.50
C SER B 52 2.39 -17.10 4.98
N SER B 53 3.63 -16.82 5.32
CA SER B 53 4.03 -16.63 6.74
C SER B 53 5.36 -15.92 6.86
N ALA B 54 5.59 -15.37 8.04
CA ALA B 54 6.85 -14.66 8.37
C ALA B 54 7.31 -15.11 9.76
N GLN B 55 8.61 -15.07 10.01
CA GLN B 55 9.13 -15.49 11.26
C GLN B 55 10.36 -14.68 11.64
N VAL B 56 10.60 -14.48 12.94
CA VAL B 56 11.88 -13.92 13.40
C VAL B 56 12.38 -14.77 14.54
N VAL B 57 13.65 -15.12 14.49
CA VAL B 57 14.34 -15.83 15.56
C VAL B 57 15.32 -14.81 16.14
N SER B 58 15.17 -14.46 17.41
CA SER B 58 16.15 -13.61 18.11
C SER B 58 17.17 -14.47 18.82
N SER B 59 18.33 -13.90 19.12
CA SER B 59 19.42 -14.67 19.72
C SER B 59 19.21 -14.80 21.24
N ILE B 60 18.44 -13.91 21.84
CA ILE B 60 18.04 -14.00 23.23
C ILE B 60 16.53 -13.77 23.19
N ALA B 61 15.78 -14.66 23.84
CA ALA B 61 14.33 -14.61 23.77
C ALA B 61 13.81 -13.29 24.26
N GLY B 62 12.87 -12.70 23.54
CA GLY B 62 12.34 -11.41 23.95
C GLY B 62 11.45 -11.49 25.17
N ALA B 63 11.24 -10.38 25.89
CA ALA B 63 10.27 -10.37 27.00
C ALA B 63 8.86 -10.50 26.44
N THR B 64 7.91 -10.77 27.34
CA THR B 64 6.50 -10.79 26.96
C THR B 64 6.09 -9.49 26.31
N GLY B 65 5.34 -9.58 25.21
CA GLY B 65 5.02 -8.41 24.41
C GLY B 65 5.79 -8.34 23.12
N THR B 66 6.79 -9.20 22.94
CA THR B 66 7.50 -9.33 21.66
C THR B 66 6.50 -9.90 20.60
N TYR B 67 6.28 -9.20 19.51
CA TYR B 67 5.28 -9.61 18.54
C TYR B 67 5.53 -8.99 17.16
N PHE B 68 4.84 -9.55 16.15
CA PHE B 68 4.62 -8.90 14.86
C PHE B 68 3.26 -8.27 14.92
N ASP B 69 3.15 -7.00 14.58
CA ASP B 69 1.86 -6.37 14.41
C ASP B 69 1.28 -7.04 13.14
N PRO B 70 -0.01 -7.40 13.17
CA PRO B 70 -0.58 -8.15 12.08
C PRO B 70 -0.93 -7.30 10.85
N ASN B 71 -0.70 -5.98 10.88
CA ASN B 71 -1.02 -5.14 9.75
C ASN B 71 0.16 -4.96 8.84
N SER B 72 -0.06 -5.05 7.54
CA SER B 72 0.97 -4.60 6.63
C SER B 72 0.76 -3.12 6.47
N TYR B 73 1.86 -2.37 6.47
CA TYR B 73 1.88 -0.93 6.33
C TYR B 73 2.27 -0.60 4.91
N TYR B 74 1.30 -0.22 4.09
CA TYR B 74 1.50 0.26 2.74
C TYR B 74 1.61 1.80 2.84
N THR B 75 2.20 2.45 1.86
CA THR B 75 2.37 3.91 1.91
C THR B 75 1.52 4.53 0.84
N ASN B 76 0.75 5.57 1.15
CA ASN B 76 0.01 6.28 0.09
C ASN B 76 0.96 7.20 -0.70
N SER B 77 0.44 8.01 -1.61
CA SER B 77 1.27 9.00 -2.34
C SER B 77 1.92 10.02 -1.40
N SER B 78 1.17 10.48 -0.40
CA SER B 78 1.67 11.46 0.60
C SER B 78 2.70 10.91 1.60
N GLY B 79 3.14 9.67 1.43
CA GLY B 79 4.05 9.06 2.38
C GLY B 79 3.46 8.64 3.74
N GLN B 80 2.15 8.72 3.95
CA GLN B 80 1.54 8.24 5.22
C GLN B 80 1.17 6.73 5.15
N ASP B 81 1.23 6.08 6.29
CA ASP B 81 0.98 4.63 6.39
C ASP B 81 -0.46 4.27 6.15
N ILE B 82 -0.69 3.17 5.44
CA ILE B 82 -2.02 2.57 5.38
C ILE B 82 -1.90 1.15 5.96
N PRO B 83 -2.34 0.93 7.21
CA PRO B 83 -2.36 -0.39 7.76
C PRO B 83 -3.55 -1.20 7.16
N VAL B 84 -3.24 -2.43 6.76
CA VAL B 84 -4.21 -3.38 6.22
C VAL B 84 -3.98 -4.67 6.99
N LYS B 85 -5.01 -5.20 7.61
CA LYS B 85 -4.84 -6.35 8.55
C LYS B 85 -4.81 -7.64 7.75
N VAL B 86 -3.60 -8.07 7.40
CA VAL B 86 -3.42 -9.17 6.46
C VAL B 86 -3.02 -10.47 7.14
N CYS B 87 -2.74 -10.41 8.42
CA CYS B 87 -2.30 -11.57 9.18
C CYS B 87 -3.18 -11.86 10.36
N SER B 88 -3.11 -13.10 10.83
CA SER B 88 -3.69 -13.43 12.14
C SER B 88 -2.66 -13.03 13.20
N ASP B 89 -3.00 -13.13 14.49
CA ASP B 89 -2.07 -12.67 15.53
C ASP B 89 -0.78 -13.49 15.51
N SER B 90 0.33 -12.84 15.84
CA SER B 90 1.59 -13.55 15.97
C SER B 90 1.61 -14.42 17.21
N GLN B 91 2.49 -15.40 17.16
CA GLN B 91 2.73 -16.28 18.27
C GLN B 91 4.20 -16.31 18.53
N THR B 92 4.60 -16.15 19.77
CA THR B 92 6.05 -16.21 20.13
C THR B 92 6.28 -17.33 21.11
N ASN B 93 7.21 -18.21 20.79
CA ASN B 93 7.65 -19.21 21.72
CA ASN B 93 7.69 -19.19 21.77
C ASN B 93 9.19 -19.06 21.90
N GLY B 94 9.61 -18.58 23.06
CA GLY B 94 11.04 -18.35 23.34
C GLY B 94 11.61 -17.35 22.34
N THR B 95 12.60 -17.78 21.58
CA THR B 95 13.26 -16.94 20.60
C THR B 95 12.51 -16.68 19.31
N THR B 96 11.43 -17.43 19.05
CA THR B 96 10.81 -17.48 17.72
C THR B 96 9.39 -16.92 17.69
N THR B 97 9.21 -15.92 16.85
CA THR B 97 7.92 -15.29 16.62
C THR B 97 7.46 -15.67 15.21
N VAL B 98 6.25 -16.19 15.07
CA VAL B 98 5.72 -16.56 13.76
CA VAL B 98 5.70 -16.61 13.77
C VAL B 98 4.39 -15.87 13.56
N ILE B 99 4.12 -15.50 12.32
CA ILE B 99 2.84 -14.91 11.99
C ILE B 99 2.40 -15.45 10.60
N ASP B 100 1.12 -15.75 10.46
CA ASP B 100 0.55 -16.31 9.22
C ASP B 100 -0.25 -15.27 8.49
N PHE B 101 -0.10 -15.23 7.17
CA PHE B 101 -0.97 -14.37 6.38
C PHE B 101 -2.33 -15.06 6.22
N THR B 102 -3.41 -14.33 6.42
CA THR B 102 -4.76 -14.86 6.16
C THR B 102 -5.37 -14.12 4.99
N VAL B 103 -4.67 -13.17 4.37
CA VAL B 103 -5.19 -12.38 3.23
C VAL B 103 -4.24 -12.59 2.08
N ASP B 104 -4.78 -12.72 0.87
CA ASP B 104 -3.91 -12.89 -0.29
C ASP B 104 -3.21 -11.56 -0.57
N THR B 105 -1.88 -11.60 -0.57
CA THR B 105 -1.12 -10.50 -1.08
C THR B 105 0.21 -10.96 -1.59
N CYS B 106 0.75 -10.21 -2.56
CA CYS B 106 2.10 -10.48 -3.04
C CYS B 106 3.19 -9.64 -2.39
N ALA B 107 2.84 -8.72 -1.50
CA ALA B 107 3.83 -7.78 -0.96
C ALA B 107 3.31 -7.23 0.35
N ALA B 108 4.19 -7.19 1.36
CA ALA B 108 3.76 -6.63 2.66
C ALA B 108 4.98 -6.17 3.42
N THR B 109 4.75 -5.23 4.34
CA THR B 109 5.76 -4.82 5.31
C THR B 109 5.19 -4.89 6.69
N LEU B 110 5.75 -5.76 7.50
CA LEU B 110 5.26 -6.02 8.83
C LEU B 110 6.25 -5.47 9.79
N ARG B 111 5.73 -4.90 10.89
CA ARG B 111 6.55 -4.38 11.99
C ARG B 111 6.70 -5.40 13.08
N TYR B 112 7.94 -5.67 13.46
CA TYR B 112 8.27 -6.55 14.57
C TYR B 112 8.84 -5.73 15.71
N TYR B 113 8.36 -6.04 16.91
CA TYR B 113 8.72 -5.38 18.15
C TYR B 113 9.36 -6.40 19.08
N TYR B 114 10.65 -6.24 19.36
CA TYR B 114 11.36 -7.06 20.29
C TYR B 114 11.39 -6.29 21.61
N ILE B 115 10.84 -6.86 22.68
CA ILE B 115 10.89 -6.20 24.00
C ILE B 115 12.15 -6.76 24.68
N ILE B 116 13.10 -5.87 25.00
CA ILE B 116 14.43 -6.22 25.50
C ILE B 116 14.29 -6.83 26.88
N PRO B 117 14.78 -8.09 27.07
CA PRO B 117 14.53 -8.79 28.35
C PRO B 117 15.71 -8.52 29.28
N GLU B 118 15.48 -8.65 30.59
CA GLU B 118 16.55 -8.53 31.60
C GLU B 118 17.78 -9.34 31.25
N GLU B 119 17.59 -10.56 30.75
CA GLU B 119 18.75 -11.38 30.43
C GLU B 119 19.64 -10.82 29.29
N ALA B 120 19.15 -9.84 28.51
CA ALA B 120 19.95 -9.24 27.43
C ALA B 120 20.82 -8.09 27.95
N ARG B 121 20.68 -7.70 29.22
CA ARG B 121 21.35 -6.47 29.75
C ARG B 121 22.84 -6.56 29.52
N GLY B 122 23.43 -5.51 28.97
CA GLY B 122 24.84 -5.55 28.64
C GLY B 122 25.27 -6.52 27.59
N LYS B 123 24.37 -7.20 26.85
CA LYS B 123 24.84 -8.20 25.85
C LYS B 123 24.52 -7.73 24.44
N ASP B 124 24.77 -8.54 23.45
CA ASP B 124 24.44 -8.22 22.06
C ASP B 124 23.22 -9.08 21.71
N VAL B 125 22.36 -8.62 20.82
CA VAL B 125 21.25 -9.44 20.32
CA VAL B 125 21.24 -9.42 20.33
C VAL B 125 21.23 -9.35 18.81
N GLN B 126 21.02 -10.48 18.15
CA GLN B 126 20.89 -10.49 16.67
C GLN B 126 19.62 -11.20 16.27
N PHE B 127 19.26 -11.02 15.01
CA PHE B 127 17.96 -11.42 14.53
C PHE B 127 18.03 -12.06 13.14
N SER B 128 17.28 -13.15 12.96
CA SER B 128 17.11 -13.78 11.66
C SER B 128 15.64 -13.79 11.26
N PHE B 129 15.33 -12.97 10.26
CA PHE B 129 13.94 -12.85 9.74
C PHE B 129 13.80 -13.78 8.54
N SER B 130 12.62 -14.38 8.38
CA SER B 130 12.39 -15.26 7.21
C SER B 130 10.93 -15.26 6.83
N VAL B 131 10.69 -15.69 5.59
CA VAL B 131 9.39 -15.60 4.94
C VAL B 131 9.16 -16.87 4.09
N LYS B 132 7.91 -17.32 4.00
CA LYS B 132 7.48 -18.38 3.09
C LYS B 132 6.37 -17.85 2.17
N ALA B 133 6.38 -18.24 0.89
CA ALA B 133 5.29 -17.99 -0.05
C ALA B 133 4.60 -19.27 -0.56
N SER B 134 3.47 -19.10 -1.23
CA SER B 134 2.61 -20.24 -1.59
C SER B 134 3.14 -21.12 -2.74
N ASN B 135 4.24 -20.70 -3.39
CA ASN B 135 4.92 -21.53 -4.37
C ASN B 135 6.03 -22.36 -3.74
N GLY B 136 6.09 -22.41 -2.41
CA GLY B 136 7.13 -23.16 -1.71
C GLY B 136 8.46 -22.45 -1.67
N GLN B 137 8.55 -21.22 -2.18
CA GLN B 137 9.80 -20.49 -2.05
C GLN B 137 9.93 -19.95 -0.61
N VAL B 138 11.18 -19.70 -0.22
CA VAL B 138 11.54 -19.12 1.10
C VAL B 138 12.57 -17.97 0.89
N ALA B 139 12.67 -17.01 1.83
CA ALA B 139 13.76 -16.01 1.85
C ALA B 139 14.13 -15.71 3.31
N GLU B 140 15.29 -15.09 3.51
CA GLU B 140 15.84 -14.89 4.84
C GLU B 140 16.64 -13.62 4.85
N TYR B 141 16.72 -12.96 6.01
CA TYR B 141 17.43 -11.70 6.18
C TYR B 141 17.89 -11.56 7.62
N LYS B 142 19.18 -11.32 7.83
CA LYS B 142 19.76 -11.20 9.19
C LYS B 142 20.12 -9.76 9.49
N LEU B 143 19.89 -9.35 10.73
CA LEU B 143 20.27 -8.05 11.23
C LEU B 143 20.96 -8.19 12.61
N GLY B 144 21.86 -7.26 12.91
CA GLY B 144 22.63 -7.23 14.11
C GLY B 144 24.00 -7.83 13.98
N PRO B 145 24.76 -7.93 15.09
CA PRO B 145 24.24 -7.75 16.45
C PRO B 145 24.07 -6.33 16.86
N TYR B 146 23.21 -6.13 17.82
CA TYR B 146 22.96 -4.85 18.39
C TYR B 146 23.29 -4.88 19.89
N LYS B 147 23.91 -3.80 20.38
CA LYS B 147 24.37 -3.71 21.78
C LYS B 147 23.20 -3.32 22.68
N ILE B 148 23.02 -4.04 23.79
CA ILE B 148 21.98 -3.69 24.77
C ILE B 148 22.73 -3.00 25.94
N SER B 149 22.22 -1.87 26.36
CA SER B 149 22.80 -1.05 27.37
C SER B 149 22.77 -1.80 28.72
N LYS B 150 23.65 -1.40 29.63
CA LYS B 150 23.56 -1.78 31.07
C LYS B 150 22.62 -0.91 31.87
N ASP B 152 19.53 1.23 33.52
CA ASP B 152 18.12 1.22 33.90
C ASP B 152 17.56 2.59 33.70
N ALA B 154 13.83 5.01 34.56
CA ALA B 154 12.50 5.16 35.21
C ALA B 154 12.02 6.55 34.82
N LYS B 155 10.81 6.68 34.28
CA LYS B 155 10.33 7.95 33.77
C LYS B 155 9.11 8.45 34.51
N ASN B 156 9.00 9.77 34.55
CA ASN B 156 7.84 10.47 35.05
C ASN B 156 7.38 10.03 36.41
N LEU B 157 8.31 10.07 37.36
CA LEU B 157 8.00 9.75 38.75
C LEU B 157 7.65 11.01 39.53
N SER B 158 6.75 10.89 40.49
CA SER B 158 6.26 12.00 41.25
C SER B 158 7.04 12.19 42.54
N VAL B 159 7.47 13.42 42.78
CA VAL B 159 8.23 13.78 43.94
C VAL B 159 7.52 14.95 44.60
N THR B 160 7.33 14.87 45.90
CA THR B 160 6.66 15.92 46.64
C THR B 160 7.35 16.01 48.00
N ASN B 161 6.96 16.95 48.82
CA ASN B 161 7.55 17.06 50.15
C ASN B 161 7.36 15.80 51.00
N ASP B 162 6.30 15.04 50.74
CA ASP B 162 6.07 13.78 51.42
C ASP B 162 6.72 12.60 50.72
N LYS B 163 6.75 12.64 49.39
CA LYS B 163 7.26 11.59 48.57
C LYS B 163 8.62 12.08 48.11
N CYS B 164 9.52 12.08 49.07
CA CYS B 164 10.68 12.88 49.03
C CYS B 164 12.00 12.14 49.16
N TYR B 165 12.00 10.81 49.25
CA TYR B 165 13.25 10.10 49.55
C TYR B 165 13.61 9.27 48.36
N LEU B 166 14.64 9.69 47.63
CA LEU B 166 15.09 9.01 46.43
C LEU B 166 16.14 7.94 46.77
N SER B 167 15.90 6.71 46.34
CA SER B 167 16.89 5.61 46.42
C SER B 167 17.29 5.15 45.03
N PHE B 168 18.60 5.11 44.80
CA PHE B 168 19.15 4.57 43.57
C PHE B 168 19.68 3.17 43.78
N LEU B 169 19.21 2.46 44.81
CA LEU B 169 19.81 1.15 45.17
C LEU B 169 18.99 -0.08 44.89
N ASN B 170 17.75 0.06 44.41
CA ASN B 170 16.93 -1.08 44.23
C ASN B 170 17.27 -1.80 42.92
N GLU B 171 17.19 -3.13 42.92
CA GLU B 171 17.41 -3.95 41.73
C GLU B 171 16.44 -3.56 40.61
N GLY B 172 16.95 -3.40 39.41
CA GLY B 172 16.09 -3.14 38.26
C GLY B 172 15.30 -1.86 38.28
N GLU B 173 15.59 -0.94 39.20
CA GLU B 173 14.80 0.29 39.35
C GLU B 173 15.75 1.48 39.36
N ALA B 174 15.74 2.32 38.32
CA ALA B 174 16.72 3.42 38.20
C ALA B 174 16.68 4.34 39.42
N VAL B 175 15.48 4.56 39.92
CA VAL B 175 15.24 5.31 41.17
C VAL B 175 13.96 4.80 41.75
N HIS B 176 13.83 4.89 43.06
CA HIS B 176 12.55 4.64 43.74
C HIS B 176 12.30 5.76 44.69
N ILE B 177 11.07 6.27 44.73
CA ILE B 177 10.68 7.36 45.63
C ILE B 177 9.92 6.74 46.81
N TYR B 178 10.53 6.82 47.98
CA TYR B 178 9.96 6.40 49.26
C TYR B 178 9.40 7.64 49.87
N SER B 179 8.36 7.48 50.67
CA SER B 179 7.67 8.57 51.35
C SER B 179 7.93 8.58 52.81
N LYS B 180 7.47 9.64 53.46
CA LYS B 180 7.57 9.74 54.89
C LYS B 180 6.76 8.63 55.58
N ALA B 181 5.65 8.20 54.96
CA ALA B 181 4.83 7.12 55.50
C ALA B 181 5.63 5.83 55.43
N ASP B 182 6.33 5.63 54.31
CA ASP B 182 7.15 4.42 54.14
C ASP B 182 8.17 4.30 55.25
N LEU B 183 8.84 5.39 55.55
CA LEU B 183 9.81 5.40 56.63
C LEU B 183 9.21 5.28 58.02
N GLN B 184 7.97 5.75 58.24
CA GLN B 184 7.38 5.62 59.60
C GLN B 184 7.12 4.13 59.91
N ALA B 185 6.64 3.43 58.88
CA ALA B 185 6.33 2.00 58.90
C ALA B 185 7.58 1.15 59.04
N ASN B 186 8.61 1.51 58.26
CA ASN B 186 9.83 0.73 58.10
C ASN B 186 11.01 1.60 58.22
N PRO B 187 11.36 1.97 59.44
CA PRO B 187 12.44 2.95 59.57
C PRO B 187 13.77 2.54 58.90
N SER B 188 13.98 1.24 58.68
CA SER B 188 15.18 0.73 58.04
C SER B 188 15.34 1.25 56.59
N LEU B 189 14.26 1.65 55.93
CA LEU B 189 14.38 2.18 54.58
C LEU B 189 15.30 3.39 54.54
N ALA B 190 15.44 4.18 55.62
CA ALA B 190 16.34 5.32 55.66
C ALA B 190 17.77 5.00 55.18
N ALA B 191 18.25 3.80 55.44
CA ALA B 191 19.59 3.36 55.02
C ALA B 191 19.76 3.25 53.49
N LYS B 192 18.67 3.08 52.74
CA LYS B 192 18.65 3.02 51.26
C LYS B 192 18.54 4.40 50.59
N ILE B 193 18.32 5.46 51.38
CA ILE B 193 18.02 6.77 50.82
C ILE B 193 19.32 7.47 50.48
N ASP B 194 19.37 7.94 49.23
CA ASP B 194 20.50 8.66 48.68
C ASP B 194 20.29 10.17 48.66
N ILE B 195 19.08 10.60 48.42
CA ILE B 195 18.79 12.03 48.28
C ILE B 195 17.44 12.30 48.93
N TYR B 197 14.59 15.14 48.78
CA TYR B 197 14.03 16.34 48.17
C TYR B 197 13.28 17.15 49.20
N ALA B 198 13.36 18.47 49.09
CA ALA B 198 12.52 19.36 49.84
C ALA B 198 12.23 20.59 48.99
N TYR B 199 11.05 21.18 49.11
CA TYR B 199 10.77 22.50 48.55
C TYR B 199 10.74 23.52 49.63
N SER B 200 11.43 24.64 49.47
CA SER B 200 11.35 25.74 50.42
C SER B 200 10.72 26.94 49.71
N GLU B 201 9.93 27.70 50.44
CA GLU B 201 9.33 28.91 49.85
C GLU B 201 10.30 30.11 49.77
N LYS B 202 11.49 29.98 50.40
CA LYS B 202 12.61 30.91 50.18
C LYS B 202 13.13 30.56 48.77
N SER B 203 13.00 31.43 47.75
CA SER B 203 13.34 30.96 46.38
C SER B 203 14.86 30.97 46.06
N ASP B 204 15.71 31.38 47.02
CA ASP B 204 17.14 30.99 47.03
C ASP B 204 17.38 29.48 47.26
N LEU B 205 16.45 28.81 47.95
CA LEU B 205 16.51 27.35 48.17
C LEU B 205 15.56 26.67 47.18
N SER B 206 14.31 27.12 47.13
CA SER B 206 13.33 26.58 46.17
C SER B 206 13.29 25.01 46.21
N HIS B 207 13.26 24.36 45.04
CA HIS B 207 13.34 22.91 44.95
C HIS B 207 14.76 22.44 45.20
N ALA B 208 15.00 21.62 46.21
CA ALA B 208 16.35 21.28 46.66
C ALA B 208 16.55 19.79 46.78
N PHE B 209 17.79 19.33 46.58
CA PHE B 209 18.19 17.95 46.84
C PHE B 209 19.26 18.03 47.92
N TYR B 210 19.06 17.26 48.98
CA TYR B 210 20.00 17.21 50.09
C TYR B 210 20.46 15.79 50.32
N THR B 211 21.55 15.65 51.04
CA THR B 211 22.18 14.38 51.32
C THR B 211 22.75 14.43 52.76
N SER B 212 23.39 13.36 53.24
CA SER B 212 23.75 13.25 54.67
C SER B 212 24.57 14.43 55.17
N SER B 213 25.48 14.93 54.34
CA SER B 213 26.37 15.99 54.79
C SER B 213 25.94 17.38 54.29
N SER B 214 24.75 17.53 53.74
CA SER B 214 24.34 18.88 53.31
C SER B 214 24.46 19.86 54.49
N PRO B 215 24.97 21.08 54.28
CA PRO B 215 25.09 21.97 55.44
C PRO B 215 23.74 22.49 55.92
N LYS B 216 23.53 22.48 57.24
CA LYS B 216 22.28 22.94 57.90
C LYS B 216 21.91 24.33 57.38
N GLU B 217 22.91 25.16 57.11
CA GLU B 217 22.73 26.52 56.56
C GLU B 217 21.82 26.55 55.31
N TYR B 218 21.88 25.54 54.44
CA TYR B 218 21.17 25.60 53.14
C TYR B 218 19.90 24.76 53.12
N GLY B 220 17.04 25.19 55.11
CA GLY B 220 15.81 25.93 55.39
C GLY B 220 14.87 25.15 56.31
N GLY B 221 15.38 24.60 57.41
CA GLY B 221 14.53 23.87 58.35
C GLY B 221 14.26 22.39 58.09
N THR B 222 14.50 21.89 56.87
CA THR B 222 14.33 20.47 56.56
C THR B 222 15.30 19.65 57.38
N GLU B 223 14.86 18.49 57.86
CA GLU B 223 15.74 17.59 58.59
C GLU B 223 15.76 16.22 57.96
N LEU B 224 16.94 15.62 57.95
CA LEU B 224 17.11 14.25 57.47
C LEU B 224 16.50 13.28 58.50
N PRO B 225 15.83 12.20 58.04
CA PRO B 225 15.43 11.19 59.02
C PRO B 225 16.64 10.47 59.59
N SER B 226 16.51 9.91 60.78
CA SER B 226 17.66 9.25 61.38
C SER B 226 17.82 7.95 60.62
N GLY B 227 19.07 7.57 60.45
CA GLY B 227 19.41 6.45 59.60
C GLY B 227 19.79 6.89 58.18
N PHE B 228 19.51 8.14 57.79
CA PHE B 228 19.94 8.61 56.45
C PHE B 228 21.43 8.96 56.54
N VAL B 229 22.26 8.00 56.17
CA VAL B 229 23.72 8.11 56.32
C VAL B 229 24.49 8.17 54.96
N ASN B 230 23.86 7.88 53.84
CA ASN B 230 24.55 7.94 52.54
C ASN B 230 24.93 9.37 52.12
N ASN B 231 26.21 9.59 51.83
CA ASN B 231 26.70 10.88 51.36
C ASN B 231 26.84 10.87 49.82
N THR B 232 25.77 11.22 49.14
CA THR B 232 25.70 11.15 47.69
C THR B 232 26.46 12.30 47.05
N LYS B 233 27.20 12.03 45.98
CA LYS B 233 27.88 13.07 45.21
C LYS B 233 26.97 13.56 44.09
N ILE B 235 26.24 16.78 40.88
CA ILE B 235 26.66 17.92 39.99
C ILE B 235 25.43 18.45 39.29
N LYS B 236 25.09 19.70 39.59
CA LYS B 236 23.89 20.35 39.08
C LYS B 236 24.16 20.71 37.62
N VAL B 237 23.17 20.49 36.77
CA VAL B 237 23.22 20.78 35.34
CA VAL B 237 23.26 20.93 35.36
C VAL B 237 21.91 21.52 34.96
N TYR B 238 21.88 22.25 33.85
CA TYR B 238 20.65 22.85 33.34
C TYR B 238 20.55 22.67 31.83
N GLY B 239 19.39 22.21 31.35
CA GLY B 239 19.13 22.13 29.92
C GLY B 239 19.83 20.98 29.25
N LEU B 240 20.27 19.98 30.01
CA LEU B 240 20.89 18.79 29.46
C LEU B 240 19.80 17.75 29.23
N GLN B 241 19.39 17.62 28.00
CA GLN B 241 18.15 16.92 27.77
C GLN B 241 18.54 15.59 27.17
N ASP B 242 17.74 14.61 27.44
CA ASP B 242 17.97 13.32 26.91
C ASP B 242 16.65 12.96 26.24
N ARG B 243 16.73 12.45 25.03
CA ARG B 243 15.51 12.23 24.24
C ARG B 243 14.62 11.15 24.89
N GLN B 244 15.23 10.18 25.53
CA GLN B 244 14.46 9.12 26.19
C GLN B 244 13.85 9.61 27.48
N LEU B 245 14.57 10.47 28.20
CA LEU B 245 14.03 10.93 29.48
C LEU B 245 13.01 12.07 29.36
N SER B 246 13.10 12.88 28.31
CA SER B 246 12.32 14.12 28.22
C SER B 246 11.32 14.15 27.07
N ASP B 247 11.46 13.22 26.12
CA ASP B 247 10.54 13.18 24.97
C ASP B 247 10.42 14.56 24.27
N LEU B 248 11.53 15.27 24.15
CA LEU B 248 11.61 16.48 23.31
C LEU B 248 12.66 16.26 22.24
N GLN B 249 12.33 16.55 20.99
CA GLN B 249 13.15 16.05 19.88
C GLN B 249 14.44 16.86 19.64
N TYR B 250 15.28 16.37 18.71
CA TYR B 250 16.63 16.92 18.39
C TYR B 250 17.55 16.81 19.55
N SER B 251 17.20 15.92 20.46
CA SER B 251 17.97 15.74 21.67
C SER B 251 19.11 14.77 21.37
N LYS B 252 19.95 14.65 22.36
CA LYS B 252 20.97 13.66 22.35
C LYS B 252 20.60 12.61 23.40
N PHE B 253 21.41 11.57 23.44
CA PHE B 253 21.17 10.47 24.34
C PHE B 253 22.37 10.34 25.27
N ILE B 254 22.08 10.12 26.54
CA ILE B 254 23.09 9.68 27.49
C ILE B 254 23.20 8.19 27.35
N ASP B 255 24.40 7.72 27.15
CA ASP B 255 24.63 6.29 26.97
CA ASP B 255 24.65 6.30 26.95
C ASP B 255 25.60 5.80 28.06
N ASP B 256 25.90 4.52 28.03
CA ASP B 256 26.80 3.92 29.00
C ASP B 256 28.17 4.66 29.10
N LEU B 257 28.74 5.05 27.98
CA LEU B 257 30.09 5.61 28.00
C LEU B 257 30.12 6.97 28.74
N ASP B 258 29.04 7.74 28.61
CA ASP B 258 28.90 9.02 29.31
C ASP B 258 28.92 8.80 30.84
N PHE B 259 28.29 7.73 31.32
CA PHE B 259 28.39 7.39 32.75
C PHE B 259 29.76 6.98 33.17
N GLU B 260 30.43 6.19 32.32
CA GLU B 260 31.80 5.75 32.60
C GLU B 260 32.78 6.92 32.66
N THR B 261 32.55 7.96 31.87
CA THR B 261 33.55 9.01 31.65
C THR B 261 33.15 10.37 32.29
N ILE B 262 31.96 10.52 32.88
CA ILE B 262 31.63 11.78 33.62
C ILE B 262 32.65 12.04 34.74
N ASP B 263 33.15 13.27 34.83
CA ASP B 263 34.09 13.66 35.89
C ASP B 263 33.30 14.11 37.09
N SER B 265 34.72 14.93 40.03
CA SER B 265 35.66 15.64 40.92
C SER B 265 35.08 16.90 41.51
N LYS B 266 34.42 17.70 40.69
CA LYS B 266 33.91 18.97 41.11
C LYS B 266 32.47 18.77 41.62
N CYS B 267 32.24 17.80 42.51
CA CYS B 267 30.87 17.54 43.01
C CYS B 267 30.51 18.34 44.26
N THR B 268 29.22 18.36 44.58
CA THR B 268 28.70 19.06 45.75
C THR B 268 27.82 18.10 46.56
N ASN B 269 27.49 18.51 47.79
CA ASN B 269 26.60 17.69 48.64
C ASN B 269 25.21 18.28 48.88
N TYR B 270 24.85 19.29 48.09
CA TYR B 270 23.47 19.80 48.05
C TYR B 270 23.26 20.51 46.74
N ILE B 271 22.02 20.57 46.27
CA ILE B 271 21.63 21.34 45.08
C ILE B 271 20.39 22.17 45.41
N LEU B 272 20.43 23.45 45.08
CA LEU B 272 19.31 24.38 45.28
C LEU B 272 18.77 24.83 43.92
N GLY B 273 17.57 25.42 43.91
CA GLY B 273 17.00 25.97 42.69
C GLY B 273 16.80 25.04 41.52
N LEU B 274 16.38 23.81 41.78
CA LEU B 274 15.97 22.97 40.70
C LEU B 274 14.70 23.51 40.03
N LYS B 275 14.53 23.23 38.75
CA LYS B 275 13.34 23.60 38.01
C LYS B 275 13.26 22.77 36.80
N GLU B 276 12.20 22.95 36.03
CA GLU B 276 12.04 22.24 34.81
C GLU B 276 13.32 22.37 33.94
N GLU B 277 13.79 21.25 33.43
CA GLU B 277 14.99 21.11 32.57
C GLU B 277 16.28 21.07 33.35
N ALA B 278 16.23 21.32 34.65
CA ALA B 278 17.38 21.13 35.49
C ALA B 278 17.69 19.63 35.60
N GLY B 279 18.86 19.33 36.10
CA GLY B 279 19.29 17.95 36.22
C GLY B 279 20.38 17.82 37.26
N ALA B 280 20.71 16.57 37.59
CA ALA B 280 21.79 16.31 38.50
C ALA B 280 22.45 15.01 38.15
N TRP B 281 23.75 15.03 37.90
CA TRP B 281 24.54 13.78 37.87
C TRP B 281 24.80 13.35 39.28
N VAL B 282 24.65 12.07 39.57
CA VAL B 282 24.72 11.53 40.93
C VAL B 282 25.67 10.35 40.94
N GLU B 283 26.42 10.20 42.04
CA GLU B 283 27.15 8.95 42.33
C GLU B 283 26.87 8.55 43.76
N THR B 284 26.46 7.30 43.97
CA THR B 284 26.05 6.88 45.31
C THR B 284 27.26 6.76 46.19
N ALA B 285 27.01 6.79 47.50
CA ALA B 285 28.08 6.91 48.49
C ALA B 285 29.24 5.93 48.27
N ASP B 286 28.90 4.71 47.95
CA ASP B 286 29.87 3.62 47.82
C ASP B 286 30.47 3.53 46.41
N GLY B 287 30.07 4.41 45.49
CA GLY B 287 30.55 4.36 44.09
C GLY B 287 29.89 3.28 43.24
N LYS B 288 28.90 2.60 43.80
CA LYS B 288 28.27 1.47 43.15
C LYS B 288 27.46 1.88 41.91
N TYR B 289 26.73 2.99 42.01
CA TYR B 289 25.89 3.44 40.90
C TYR B 289 26.16 4.92 40.62
N ARG B 290 26.04 5.28 39.33
CA ARG B 290 25.89 6.64 38.91
C ARG B 290 24.54 6.81 38.27
N ALA B 291 24.01 8.03 38.29
CA ALA B 291 22.67 8.23 37.72
C ALA B 291 22.60 9.66 37.19
N TYR B 292 21.60 9.91 36.36
CA TYR B 292 21.27 11.25 35.93
C TYR B 292 19.81 11.42 36.22
N VAL B 293 19.49 12.41 37.05
CA VAL B 293 18.11 12.75 37.43
C VAL B 293 17.69 14.01 36.64
N TYR B 294 16.62 13.89 35.85
CA TYR B 294 16.17 15.00 34.98
C TYR B 294 14.86 15.49 35.54
N ILE B 295 14.72 16.80 35.68
CA ILE B 295 13.48 17.42 36.16
C ILE B 295 12.58 17.72 34.98
N ASN B 296 11.58 16.88 34.72
CA ASN B 296 10.66 17.07 33.61
C ASN B 296 9.76 18.30 33.82
N LYS B 297 9.33 18.53 35.06
CA LYS B 297 8.34 19.58 35.43
C LYS B 297 8.51 19.89 36.91
N ALA B 298 8.21 21.11 37.33
CA ALA B 298 8.29 21.43 38.75
C ALA B 298 7.36 22.59 39.07
N SER B 299 6.46 22.39 40.04
CA SER B 299 5.58 23.45 40.57
C SER B 299 5.75 23.43 42.08
N ALA B 300 5.17 24.38 42.81
CA ALA B 300 5.25 24.39 44.26
C ALA B 300 4.84 23.04 44.86
N SER B 301 3.87 22.38 44.28
CA SER B 301 3.26 21.22 44.92
C SER B 301 3.69 19.85 44.37
N GLU B 302 4.43 19.82 43.27
CA GLU B 302 4.89 18.56 42.70
C GLU B 302 6.12 18.75 41.77
N VAL B 303 7.02 17.80 41.80
CA VAL B 303 8.05 17.69 40.79
C VAL B 303 7.93 16.38 40.09
N THR B 304 8.14 16.35 38.80
CA THR B 304 8.25 15.11 38.06
C THR B 304 9.71 14.86 37.61
N VAL B 305 10.25 13.67 37.90
CA VAL B 305 11.63 13.33 37.53
C VAL B 305 11.65 12.09 36.66
N SER B 306 12.68 11.98 35.85
CA SER B 306 13.02 10.78 35.10
C SER B 306 14.52 10.50 35.28
N VAL B 307 14.92 9.24 35.36
CA VAL B 307 16.30 8.88 35.79
C VAL B 307 16.83 7.78 34.93
N LYS B 308 18.07 7.94 34.46
CA LYS B 308 18.89 6.86 33.96
C LYS B 308 19.89 6.52 35.03
N ARG B 309 20.10 5.23 35.25
CA ARG B 309 21.11 4.74 36.27
C ARG B 309 22.04 3.74 35.61
N TYR B 310 23.31 3.74 36.01
CA TYR B 310 24.33 2.87 35.46
C TYR B 310 25.16 2.31 36.62
N LYS B 311 25.27 0.99 36.68
CA LYS B 311 26.06 0.30 37.68
C LYS B 311 27.52 0.25 37.27
#